data_4KRN
#
_entry.id   4KRN
#
_cell.length_a   52.769
_cell.length_b   52.769
_cell.length_c   62.724
_cell.angle_alpha   90.000
_cell.angle_beta   90.000
_cell.angle_gamma   90.000
#
_symmetry.space_group_name_H-M   'P 43'
#
loop_
_entity.id
_entity.type
_entity.pdbx_description
1 polymer 'Nanobody/VHH domain EgA1'
2 non-polymer 'SULFATE ION'
3 water water
#
_entity_poly.entity_id   1
_entity_poly.type   'polypeptide(L)'
_entity_poly.pdbx_seq_one_letter_code
;QVQLQESGGGLVQPGGSLRLSCAASGRTFSSYAMGWFRQAPGKQREFVAAIRWSGGYTYYTDSVKGRFTISRDNAKTTVY
LQMNSLKPEDTAVYYCAATYLSSDYSRYALPQRPLDYDYWGQGTQVTVSSLEHHHHHH
;
_entity_poly.pdbx_strand_id   A
#
loop_
_chem_comp.id
_chem_comp.type
_chem_comp.name
_chem_comp.formula
SO4 non-polymer 'SULFATE ION' 'O4 S -2'
#
# COMPACT_ATOMS: atom_id res chain seq x y z
N GLN A 1 16.24 4.43 7.32
CA GLN A 1 15.77 4.48 5.90
C GLN A 1 15.55 3.08 5.34
N VAL A 2 14.58 2.97 4.44
CA VAL A 2 14.28 1.70 3.78
C VAL A 2 14.28 1.85 2.26
N GLN A 3 14.69 0.78 1.58
CA GLN A 3 14.54 0.69 0.13
C GLN A 3 13.37 -0.23 -0.16
N LEU A 4 12.52 0.17 -1.11
CA LEU A 4 11.25 -0.53 -1.37
C LEU A 4 11.17 -1.08 -2.79
N GLN A 5 10.67 -2.31 -2.90
CA GLN A 5 10.48 -2.98 -4.19
C GLN A 5 9.14 -3.71 -4.28
N GLU A 6 8.27 -3.24 -5.16
CA GLU A 6 6.98 -3.89 -5.43
C GLU A 6 7.16 -5.14 -6.28
N SER A 7 6.26 -6.09 -6.09
CA SER A 7 6.10 -7.22 -7.00
C SER A 7 4.64 -7.65 -7.04
N GLY A 8 4.31 -8.48 -8.02
CA GLY A 8 2.93 -8.95 -8.18
C GLY A 8 2.10 -8.17 -9.17
N GLY A 9 2.70 -7.16 -9.81
CA GLY A 9 1.98 -6.36 -10.80
C GLY A 9 1.64 -7.16 -12.04
N GLY A 10 0.72 -6.62 -12.83
CA GLY A 10 0.34 -7.25 -14.09
C GLY A 10 -1.15 -7.20 -14.35
N LEU A 11 -1.59 -8.01 -15.31
CA LEU A 11 -2.99 -8.09 -15.70
C LEU A 11 -3.75 -9.08 -14.83
N VAL A 12 -5.03 -8.81 -14.63
CA VAL A 12 -5.97 -9.75 -14.04
C VAL A 12 -7.33 -9.49 -14.66
N GLN A 13 -8.15 -10.52 -14.76
CA GLN A 13 -9.47 -10.38 -15.36
C GLN A 13 -10.51 -9.89 -14.35
N PRO A 14 -11.55 -9.17 -14.82
CA PRO A 14 -12.61 -8.70 -13.92
C PRO A 14 -13.21 -9.84 -13.10
N GLY A 15 -13.46 -9.58 -11.82
CA GLY A 15 -14.01 -10.58 -10.92
C GLY A 15 -12.97 -11.51 -10.31
N GLY A 16 -11.72 -11.33 -10.72
CA GLY A 16 -10.61 -12.09 -10.14
C GLY A 16 -10.01 -11.44 -8.91
N SER A 17 -8.86 -11.97 -8.50
CA SER A 17 -8.15 -11.47 -7.33
C SER A 17 -6.67 -11.36 -7.66
N LEU A 18 -5.95 -10.51 -6.92
CA LEU A 18 -4.54 -10.26 -7.16
C LEU A 18 -3.89 -9.85 -5.85
N ARG A 19 -2.67 -10.32 -5.61
CA ARG A 19 -1.90 -9.92 -4.42
C ARG A 19 -0.61 -9.18 -4.80
N LEU A 20 -0.48 -7.95 -4.32
CA LEU A 20 0.77 -7.20 -4.44
C LEU A 20 1.62 -7.41 -3.19
N SER A 21 2.93 -7.33 -3.38
CA SER A 21 3.91 -7.43 -2.29
CA SER A 21 3.84 -7.35 -2.24
C SER A 21 4.88 -6.25 -2.37
N CYS A 22 5.45 -5.86 -1.23
CA CYS A 22 6.50 -4.88 -1.24
C CYS A 22 7.48 -5.25 -0.15
N ALA A 23 8.71 -5.55 -0.55
CA ALA A 23 9.75 -5.92 0.38
C ALA A 23 10.53 -4.68 0.79
N ALA A 24 10.71 -4.52 2.10
CA ALA A 24 11.46 -3.40 2.64
C ALA A 24 12.84 -3.87 3.09
N SER A 25 13.88 -3.18 2.63
CA SER A 25 15.23 -3.45 3.07
C SER A 25 15.65 -2.30 3.98
N GLY A 26 16.03 -2.63 5.21
CA GLY A 26 16.35 -1.62 6.22
C GLY A 26 15.64 -1.87 7.53
N ARG A 27 15.78 -0.94 8.46
CA ARG A 27 15.22 -1.08 9.81
C ARG A 27 13.75 -0.69 9.87
N THR A 28 12.93 -1.67 10.22
CA THR A 28 11.48 -1.53 10.15
C THR A 28 10.91 -1.36 11.56
N PHE A 29 11.43 -0.37 12.28
CA PHE A 29 10.93 -0.06 13.62
C PHE A 29 11.07 1.44 13.91
N SER A 30 10.65 1.86 15.11
CA SER A 30 10.58 3.27 15.51
CA SER A 30 10.60 3.27 15.51
C SER A 30 9.46 3.99 14.77
N SER A 31 8.22 3.69 15.17
CA SER A 31 7.00 4.23 14.57
C SER A 31 6.99 4.08 13.06
N TYR A 32 7.36 2.88 12.60
CA TYR A 32 7.45 2.57 11.18
C TYR A 32 6.07 2.23 10.63
N ALA A 33 5.75 2.79 9.47
CA ALA A 33 4.48 2.54 8.78
C ALA A 33 4.73 2.27 7.31
N MET A 34 3.89 1.43 6.73
CA MET A 34 3.92 1.20 5.28
C MET A 34 2.53 1.43 4.71
N GLY A 35 2.49 1.88 3.45
CA GLY A 35 1.24 2.13 2.78
C GLY A 35 1.26 1.78 1.31
N TRP A 36 0.07 1.72 0.74
CA TRP A 36 -0.11 1.60 -0.70
C TRP A 36 -0.87 2.82 -1.21
N PHE A 37 -0.35 3.37 -2.30
CA PHE A 37 -0.99 4.44 -3.06
C PHE A 37 -1.20 3.95 -4.49
N ARG A 38 -2.11 4.59 -5.22
CA ARG A 38 -2.29 4.23 -6.61
C ARG A 38 -2.59 5.44 -7.47
N GLN A 39 -2.21 5.36 -8.74
CA GLN A 39 -2.47 6.44 -9.68
C GLN A 39 -3.10 5.90 -10.95
N ALA A 40 -4.39 6.20 -11.12
CA ALA A 40 -5.13 5.85 -12.32
C ALA A 40 -4.91 6.92 -13.40
N PRO A 41 -5.16 6.58 -14.68
CA PRO A 41 -5.03 7.57 -15.75
C PRO A 41 -5.79 8.88 -15.49
N GLY A 42 -5.10 10.00 -15.67
CA GLY A 42 -5.68 11.33 -15.50
C GLY A 42 -5.96 11.74 -14.06
N LYS A 43 -5.46 10.94 -13.12
CA LYS A 43 -5.76 11.15 -11.71
C LYS A 43 -4.50 11.37 -10.88
N GLN A 44 -4.71 11.96 -9.71
CA GLN A 44 -3.69 12.13 -8.69
C GLN A 44 -3.28 10.79 -8.10
N ARG A 45 -2.11 10.76 -7.47
CA ARG A 45 -1.73 9.63 -6.61
C ARG A 45 -2.64 9.64 -5.39
N GLU A 46 -3.39 8.57 -5.20
CA GLU A 46 -4.39 8.48 -4.14
C GLU A 46 -4.02 7.41 -3.12
N PHE A 47 -4.36 7.68 -1.86
CA PHE A 47 -4.21 6.72 -0.77
C PHE A 47 -5.10 5.50 -0.99
N VAL A 48 -4.54 4.32 -0.72
CA VAL A 48 -5.29 3.07 -0.77
C VAL A 48 -5.44 2.45 0.62
N ALA A 49 -4.32 2.16 1.27
CA ALA A 49 -4.32 1.49 2.58
C ALA A 49 -2.98 1.69 3.25
N ALA A 50 -2.96 1.62 4.58
CA ALA A 50 -1.71 1.68 5.32
C ALA A 50 -1.77 0.87 6.60
N ILE A 51 -0.59 0.56 7.14
CA ILE A 51 -0.45 -0.31 8.30
C ILE A 51 0.69 0.16 9.20
N ARG A 52 0.46 0.11 10.51
CA ARG A 52 1.52 0.33 11.51
C ARG A 52 2.23 -0.98 11.78
N TRP A 53 3.56 -0.98 11.62
CA TRP A 53 4.35 -2.19 11.77
C TRP A 53 4.29 -2.76 13.19
N SER A 54 4.16 -1.87 14.17
CA SER A 54 3.99 -2.27 15.57
C SER A 54 2.56 -1.98 16.00
N GLY A 55 1.86 -3.02 16.45
CA GLY A 55 0.50 -2.86 16.94
C GLY A 55 -0.59 -3.15 15.92
N GLY A 56 -0.25 -3.06 14.64
CA GLY A 56 -1.11 -3.51 13.55
C GLY A 56 -2.30 -2.65 13.16
N TYR A 57 -2.35 -1.42 13.64
CA TYR A 57 -3.39 -0.47 13.21
C TYR A 57 -3.36 -0.34 11.69
N THR A 58 -4.54 -0.38 11.08
CA THR A 58 -4.68 -0.24 9.64
C THR A 58 -5.79 0.73 9.30
N TYR A 59 -5.73 1.31 8.10
CA TYR A 59 -6.81 2.14 7.57
C TYR A 59 -6.89 1.97 6.06
N TYR A 60 -8.12 2.00 5.54
CA TYR A 60 -8.40 1.82 4.12
C TYR A 60 -9.20 2.98 3.57
N THR A 61 -8.90 3.41 2.35
CA THR A 61 -9.75 4.37 1.65
C THR A 61 -11.14 3.76 1.42
N ASP A 62 -12.18 4.60 1.44
CA ASP A 62 -13.55 4.11 1.39
C ASP A 62 -13.86 3.18 0.22
N SER A 63 -13.31 3.50 -0.96
CA SER A 63 -13.61 2.74 -2.18
C SER A 63 -13.05 1.31 -2.22
N VAL A 64 -12.15 0.98 -1.31
CA VAL A 64 -11.57 -0.37 -1.27
C VAL A 64 -11.88 -1.15 0.01
N LYS A 65 -12.44 -0.47 1.01
CA LYS A 65 -12.76 -1.10 2.29
C LYS A 65 -13.65 -2.33 2.07
N GLY A 66 -13.27 -3.45 2.67
CA GLY A 66 -13.99 -4.72 2.49
C GLY A 66 -13.56 -5.56 1.30
N ARG A 67 -12.84 -4.95 0.36
CA ARG A 67 -12.35 -5.66 -0.83
C ARG A 67 -10.85 -5.91 -0.78
N PHE A 68 -10.10 -4.96 -0.21
CA PHE A 68 -8.66 -5.05 -0.14
C PHE A 68 -8.27 -5.30 1.32
N THR A 69 -7.19 -6.05 1.52
CA THR A 69 -6.64 -6.26 2.86
C THR A 69 -5.15 -6.01 2.82
N ILE A 70 -4.68 -5.16 3.74
CA ILE A 70 -3.25 -4.90 3.89
C ILE A 70 -2.75 -5.70 5.09
N SER A 71 -1.57 -6.32 4.94
CA SER A 71 -1.01 -7.17 6.00
C SER A 71 0.51 -7.22 5.95
N ARG A 72 1.08 -7.74 7.04
CA ARG A 72 2.52 -8.01 7.19
C ARG A 72 2.80 -9.52 7.05
N ASP A 73 4.07 -9.84 6.80
CA ASP A 73 4.54 -11.23 6.97
C ASP A 73 5.00 -11.45 8.42
N THR A 77 9.15 -8.13 7.15
CA THR A 77 10.04 -7.76 6.05
C THR A 77 9.25 -7.25 4.84
N THR A 78 8.01 -7.69 4.74
CA THR A 78 7.20 -7.49 3.53
C THR A 78 5.77 -7.07 3.87
N VAL A 79 5.25 -6.10 3.12
CA VAL A 79 3.85 -5.72 3.22
C VAL A 79 3.10 -6.28 2.00
N TYR A 80 1.86 -6.72 2.22
CA TYR A 80 1.00 -7.24 1.15
C TYR A 80 -0.25 -6.41 0.95
N LEU A 81 -0.73 -6.36 -0.29
CA LEU A 81 -2.05 -5.82 -0.57
C LEU A 81 -2.82 -6.90 -1.31
N GLN A 82 -3.73 -7.56 -0.59
CA GLN A 82 -4.59 -8.57 -1.18
C GLN A 82 -5.82 -7.88 -1.74
N MET A 83 -5.99 -8.03 -3.04
CA MET A 83 -7.02 -7.31 -3.77
CA MET A 83 -6.99 -7.32 -3.79
C MET A 83 -8.06 -8.29 -4.30
N ASN A 84 -9.27 -8.19 -3.77
CA ASN A 84 -10.33 -9.11 -4.17
C ASN A 84 -11.45 -8.43 -4.96
N SER A 85 -12.24 -9.23 -5.69
CA SER A 85 -13.36 -8.74 -6.50
CA SER A 85 -13.36 -8.74 -6.50
C SER A 85 -12.96 -7.53 -7.34
N LEU A 86 -11.96 -7.73 -8.19
CA LEU A 86 -11.38 -6.66 -8.99
C LEU A 86 -12.26 -6.14 -10.09
N LYS A 87 -12.25 -4.82 -10.25
CA LYS A 87 -13.05 -4.12 -11.25
C LYS A 87 -12.13 -3.33 -12.16
N PRO A 88 -12.53 -3.11 -13.43
CA PRO A 88 -11.70 -2.30 -14.33
C PRO A 88 -11.21 -0.99 -13.71
N GLU A 89 -12.01 -0.39 -12.84
CA GLU A 89 -11.64 0.89 -12.19
C GLU A 89 -10.54 0.80 -11.11
N ASP A 90 -10.07 -0.41 -10.82
CA ASP A 90 -8.92 -0.61 -9.93
C ASP A 90 -7.61 -0.57 -10.72
N THR A 91 -7.72 -0.38 -12.03
CA THR A 91 -6.55 -0.25 -12.90
C THR A 91 -5.77 1.01 -12.55
N ALA A 92 -4.49 0.84 -12.25
CA ALA A 92 -3.64 1.94 -11.83
C ALA A 92 -2.20 1.47 -11.66
N VAL A 93 -1.28 2.44 -11.57
CA VAL A 93 0.06 2.14 -11.08
C VAL A 93 -0.03 2.18 -9.55
N TYR A 94 0.38 1.08 -8.92
CA TYR A 94 0.38 0.97 -7.45
C TYR A 94 1.77 1.19 -6.91
N TYR A 95 1.85 2.07 -5.91
CA TYR A 95 3.12 2.42 -5.27
C TYR A 95 3.11 1.98 -3.83
N CYS A 96 4.19 1.34 -3.41
CA CYS A 96 4.48 1.07 -2.02
CA CYS A 96 4.38 1.12 -1.99
C CYS A 96 5.17 2.28 -1.41
N ALA A 97 4.83 2.64 -0.17
CA ALA A 97 5.45 3.75 0.52
C ALA A 97 5.72 3.35 1.97
N ALA A 98 6.66 4.05 2.59
CA ALA A 98 6.97 3.79 3.98
C ALA A 98 7.49 5.06 4.62
N THR A 99 7.43 5.10 5.95
CA THR A 99 7.91 6.27 6.66
C THR A 99 8.13 5.95 8.13
N TYR A 100 8.99 6.74 8.78
CA TYR A 100 9.09 6.72 10.23
C TYR A 100 8.31 7.90 10.75
N LEU A 101 7.24 7.63 11.49
CA LEU A 101 6.39 8.69 12.01
C LEU A 101 7.07 9.42 13.15
N SER A 102 6.71 10.68 13.35
CA SER A 102 7.32 11.50 14.40
C SER A 102 7.11 10.84 15.77
N SER A 103 8.05 11.06 16.68
CA SER A 103 8.06 10.38 17.99
C SER A 103 6.78 10.58 18.79
N ASP A 104 6.11 11.70 18.58
CA ASP A 104 4.89 12.05 19.31
C ASP A 104 3.59 11.49 18.68
N TYR A 105 3.73 10.78 17.56
CA TYR A 105 2.56 10.19 16.89
C TYR A 105 1.81 9.24 17.82
N SER A 106 0.48 9.28 17.75
CA SER A 106 -0.33 8.23 18.35
C SER A 106 0.12 6.89 17.80
N ARG A 107 0.07 5.86 18.64
CA ARG A 107 0.48 4.51 18.23
C ARG A 107 -0.56 3.85 17.34
N TYR A 108 -1.76 4.41 17.30
CA TYR A 108 -2.87 3.90 16.51
C TYR A 108 -3.42 4.97 15.57
N ALA A 109 -2.53 5.48 14.74
CA ALA A 109 -2.87 6.55 13.80
C ALA A 109 -2.01 6.41 12.56
N LEU A 110 -2.56 6.82 11.42
CA LEU A 110 -1.85 6.80 10.14
C LEU A 110 -2.19 8.03 9.31
N PRO A 111 -1.17 8.62 8.64
CA PRO A 111 -1.42 9.69 7.68
C PRO A 111 -1.84 9.13 6.32
N GLN A 112 -2.41 9.99 5.48
CA GLN A 112 -2.92 9.55 4.18
C GLN A 112 -2.45 10.37 2.99
N ARG A 113 -1.76 11.47 3.23
CA ARG A 113 -1.30 12.31 2.13
C ARG A 113 0.01 11.77 1.60
N PRO A 114 0.19 11.75 0.27
CA PRO A 114 1.45 11.21 -0.27
C PRO A 114 2.71 11.81 0.36
N LEU A 115 2.73 13.13 0.56
CA LEU A 115 3.93 13.77 1.11
C LEU A 115 4.16 13.52 2.61
N ASP A 116 3.24 12.78 3.23
CA ASP A 116 3.44 12.33 4.60
C ASP A 116 4.32 11.07 4.69
N TYR A 117 4.66 10.49 3.54
CA TYR A 117 5.49 9.28 3.50
C TYR A 117 6.83 9.60 2.84
N ASP A 118 7.91 9.29 3.54
CA ASP A 118 9.25 9.67 3.07
C ASP A 118 9.88 8.74 2.02
N TYR A 119 9.52 7.46 2.05
CA TYR A 119 10.16 6.46 1.18
C TYR A 119 9.16 5.85 0.21
N TRP A 120 9.58 5.67 -1.04
CA TRP A 120 8.69 5.25 -2.12
C TRP A 120 9.32 4.19 -3.00
N GLY A 121 8.50 3.22 -3.42
CA GLY A 121 8.87 2.29 -4.48
C GLY A 121 8.68 2.96 -5.83
N GLN A 122 9.05 2.24 -6.88
CA GLN A 122 8.99 2.77 -8.25
C GLN A 122 7.59 2.64 -8.89
N GLY A 123 6.72 1.88 -8.23
CA GLY A 123 5.39 1.65 -8.78
C GLY A 123 5.34 0.45 -9.68
N THR A 124 4.17 -0.19 -9.73
CA THR A 124 3.94 -1.31 -10.65
C THR A 124 2.52 -1.23 -11.19
N GLN A 125 2.38 -1.49 -12.48
CA GLN A 125 1.08 -1.45 -13.13
C GLN A 125 0.22 -2.64 -12.74
N VAL A 126 -1.02 -2.37 -12.35
CA VAL A 126 -2.06 -3.39 -12.26
C VAL A 126 -3.15 -3.01 -13.27
N THR A 127 -3.52 -3.97 -14.11
CA THR A 127 -4.52 -3.76 -15.15
C THR A 127 -5.63 -4.78 -14.97
N VAL A 128 -6.85 -4.28 -14.74
CA VAL A 128 -8.02 -5.16 -14.64
C VAL A 128 -8.79 -5.05 -15.96
N SER A 129 -8.71 -6.09 -16.78
CA SER A 129 -9.28 -6.05 -18.13
C SER A 129 -9.57 -7.44 -18.66
S SO4 B . -0.10 13.87 -8.76
O1 SO4 B . -0.61 15.23 -8.71
O2 SO4 B . -0.52 13.21 -9.98
O3 SO4 B . 1.37 13.86 -8.66
O4 SO4 B . -0.62 13.13 -7.59
#